data_5JE1
#
_entry.id   5JE1
#
_cell.length_a   68.699
_cell.length_b   45.567
_cell.length_c   74.907
_cell.angle_alpha   90.00
_cell.angle_beta   98.98
_cell.angle_gamma   90.00
#
_symmetry.space_group_name_H-M   'P 1 21 1'
#
loop_
_entity.id
_entity.type
_entity.pdbx_description
1 polymer 'Methyl transferase'
2 non-polymer S-ADENOSYL-L-HOMOCYSTEINE
3 non-polymer 1,6-dimethylpyrimido[5,4-e][1,2,4]triazine-5,7(1H,6H)-dione
4 water water
#
_entity_poly.entity_id   1
_entity_poly.type   'polypeptide(L)'
_entity_poly.pdbx_seq_one_letter_code
;GHMSTTARYDSIGGLFEDFTQSAAQRAIEVRTIFHMIGDVSGKSVLDLACGFGFFGREIYRRGAAKVVGVDISEKMIELA
REESRKYGDPLEFHVRDVANMEPLGQFDLVNAAWLFNYADSVENLRKMFKVVRASLKPDGKLVAYTVDPDFSLAKGNFAK
YGVNVLNERAWGPGYRHDAEFVTDPPSQFSFYRWSRADYESAIADAGFSHFEWQKPLLEADDIATHPPGFWDVFQNNCLQ
TGLVCKP
;
_entity_poly.pdbx_strand_id   A,B
#
loop_
_chem_comp.id
_chem_comp.type
_chem_comp.name
_chem_comp.formula
TOF non-polymer 1,6-dimethylpyrimido[5,4-e][1,2,4]triazine-5,7(1H,6H)-dione 'C7 H7 N5 O2'
#
# COMPACT_ATOMS: atom_id res chain seq x y z
N SER A 4 22.18 35.16 -4.13
CA SER A 4 21.94 33.73 -3.92
C SER A 4 21.51 33.47 -2.49
N THR A 5 20.51 32.60 -2.26
CA THR A 5 19.98 32.37 -0.92
C THR A 5 19.69 30.90 -0.70
N THR A 6 20.11 30.39 0.47
CA THR A 6 19.97 28.99 0.81
C THR A 6 18.55 28.66 1.23
N ALA A 7 18.06 27.50 0.80
CA ALA A 7 16.82 26.93 1.29
C ALA A 7 17.15 25.64 2.06
N ARG A 8 16.27 25.25 2.99
CA ARG A 8 16.59 24.08 3.81
C ARG A 8 16.72 22.82 2.97
N TYR A 9 15.84 22.66 1.98
CA TYR A 9 15.92 21.41 1.23
C TYR A 9 17.04 21.39 0.21
N ASP A 10 17.77 22.50 0.02
CA ASP A 10 18.98 22.47 -0.79
C ASP A 10 20.00 21.47 -0.26
N SER A 11 19.96 21.16 1.04
N SER A 11 19.95 21.16 1.04
CA SER A 11 20.83 20.17 1.66
CA SER A 11 20.83 20.17 1.66
C SER A 11 20.16 18.81 1.84
C SER A 11 20.19 18.80 1.78
N ILE A 12 18.92 18.67 1.42
CA ILE A 12 18.19 17.41 1.50
C ILE A 12 18.16 16.79 0.11
N GLY A 13 17.59 17.48 -0.87
CA GLY A 13 17.68 17.07 -2.27
C GLY A 13 17.19 15.66 -2.50
N GLY A 14 18.04 14.81 -3.07
CA GLY A 14 17.67 13.44 -3.40
C GLY A 14 17.27 12.59 -2.22
N LEU A 15 17.64 12.98 -0.99
CA LEU A 15 17.27 12.18 0.17
C LEU A 15 15.76 12.22 0.42
N PHE A 16 15.08 13.28 0.01
CA PHE A 16 13.64 13.29 0.24
C PHE A 16 12.97 12.17 -0.54
N GLU A 17 13.41 11.93 -1.78
CA GLU A 17 12.84 10.83 -2.55
C GLU A 17 13.16 9.48 -1.90
N ASP A 18 14.36 9.33 -1.35
CA ASP A 18 14.67 8.14 -0.56
C ASP A 18 13.68 7.96 0.58
N PHE A 19 13.36 9.04 1.29
CA PHE A 19 12.39 8.96 2.36
C PHE A 19 11.02 8.51 1.84
N THR A 20 10.58 9.03 0.69
CA THR A 20 9.23 8.69 0.22
C THR A 20 9.15 7.22 -0.18
N GLN A 21 10.27 6.58 -0.49
CA GLN A 21 10.21 5.18 -0.91
C GLN A 21 10.32 4.19 0.24
N SER A 22 10.72 4.64 1.44
CA SER A 22 10.86 3.75 2.59
C SER A 22 9.94 4.07 3.77
N ALA A 23 9.41 5.28 3.89
CA ALA A 23 8.65 5.65 5.09
C ALA A 23 7.26 5.02 5.08
N ALA A 24 6.89 4.41 6.20
CA ALA A 24 5.58 3.76 6.29
C ALA A 24 4.44 4.77 6.12
N GLN A 25 4.64 6.02 6.55
CA GLN A 25 3.54 6.98 6.49
C GLN A 25 3.26 7.48 5.06
N ARG A 26 4.20 7.32 4.13
CA ARG A 26 4.04 7.94 2.81
C ARG A 26 2.83 7.38 2.09
N ALA A 27 2.63 6.06 2.12
CA ALA A 27 1.47 5.49 1.42
C ALA A 27 0.16 6.02 1.98
N ILE A 28 0.10 6.32 3.28
CA ILE A 28 -1.12 6.90 3.85
C ILE A 28 -1.32 8.33 3.34
N GLU A 29 -0.23 9.12 3.32
CA GLU A 29 -0.32 10.49 2.77
C GLU A 29 -0.85 10.48 1.35
N VAL A 30 -0.22 9.67 0.49
CA VAL A 30 -0.60 9.64 -0.92
C VAL A 30 -2.05 9.22 -1.09
N ARG A 31 -2.46 8.16 -0.36
CA ARG A 31 -3.85 7.72 -0.42
C ARG A 31 -4.80 8.83 0.01
N THR A 32 -4.52 9.49 1.14
CA THR A 32 -5.44 10.51 1.63
C THR A 32 -5.50 11.70 0.67
N ILE A 33 -4.36 12.12 0.15
CA ILE A 33 -4.33 13.28 -0.74
C ILE A 33 -5.15 13.02 -2.00
N PHE A 34 -4.93 11.87 -2.64
CA PHE A 34 -5.69 11.64 -3.86
C PHE A 34 -7.15 11.36 -3.58
N HIS A 35 -7.49 10.84 -2.40
CA HIS A 35 -8.90 10.75 -2.05
C HIS A 35 -9.53 12.14 -2.00
N MET A 36 -8.81 13.12 -1.43
CA MET A 36 -9.36 14.48 -1.34
C MET A 36 -9.42 15.17 -2.70
N ILE A 37 -8.47 14.86 -3.58
CA ILE A 37 -8.43 15.52 -4.89
C ILE A 37 -9.58 15.05 -5.76
N GLY A 38 -9.85 13.76 -5.80
CA GLY A 38 -10.88 13.24 -6.69
C GLY A 38 -10.40 13.22 -8.13
N ASP A 39 -11.35 13.44 -9.05
CA ASP A 39 -11.03 13.39 -10.46
C ASP A 39 -10.38 14.70 -10.93
N VAL A 40 -9.23 14.59 -11.62
CA VAL A 40 -8.50 15.76 -12.13
C VAL A 40 -8.60 15.92 -13.62
N SER A 41 -9.34 15.06 -14.32
CA SER A 41 -9.29 15.10 -15.78
C SER A 41 -9.68 16.49 -16.30
N GLY A 42 -8.85 17.04 -17.18
CA GLY A 42 -9.09 18.34 -17.77
C GLY A 42 -8.76 19.53 -16.89
N LYS A 43 -8.40 19.31 -15.63
CA LYS A 43 -8.23 20.41 -14.70
C LYS A 43 -6.84 21.04 -14.80
N SER A 44 -6.77 22.34 -14.55
CA SER A 44 -5.50 23.04 -14.38
C SER A 44 -5.12 22.99 -12.90
N VAL A 45 -3.84 22.74 -12.62
CA VAL A 45 -3.40 22.40 -11.27
C VAL A 45 -2.14 23.19 -10.92
N LEU A 46 -2.11 23.75 -9.71
CA LEU A 46 -0.93 24.40 -9.16
C LEU A 46 -0.48 23.59 -7.95
N ASP A 47 0.72 23.06 -8.00
CA ASP A 47 1.28 22.21 -6.94
C ASP A 47 2.31 23.06 -6.17
N LEU A 48 1.97 23.45 -4.94
CA LEU A 48 2.81 24.31 -4.12
C LEU A 48 3.66 23.47 -3.16
N ALA A 49 4.88 23.94 -2.89
CA ALA A 49 5.89 23.13 -2.18
C ALA A 49 6.06 21.77 -2.87
N CYS A 50 6.34 21.80 -4.18
CA CYS A 50 6.19 20.61 -5.02
C CYS A 50 7.34 19.61 -4.86
N GLY A 51 8.46 20.00 -4.24
CA GLY A 51 9.57 19.07 -4.09
C GLY A 51 10.09 18.67 -5.47
N PHE A 52 10.34 17.37 -5.67
CA PHE A 52 10.71 16.94 -7.00
C PHE A 52 9.50 16.80 -7.93
N GLY A 53 8.31 17.16 -7.46
CA GLY A 53 7.14 17.23 -8.31
C GLY A 53 6.20 16.05 -8.23
N PHE A 54 6.32 15.19 -7.21
CA PHE A 54 5.56 13.95 -7.16
C PHE A 54 4.07 14.16 -7.45
N PHE A 55 3.42 15.01 -6.67
CA PHE A 55 1.97 15.08 -6.76
C PHE A 55 1.53 15.71 -8.08
N GLY A 56 2.17 16.82 -8.49
CA GLY A 56 1.84 17.41 -9.77
C GLY A 56 2.02 16.44 -10.92
N ARG A 57 3.09 15.65 -10.88
CA ARG A 57 3.37 14.71 -11.97
C ARG A 57 2.35 13.57 -11.98
N GLU A 58 1.95 13.08 -10.80
CA GLU A 58 0.93 12.04 -10.78
C GLU A 58 -0.43 12.59 -11.18
N ILE A 59 -0.68 13.85 -10.85
CA ILE A 59 -1.94 14.49 -11.25
C ILE A 59 -1.98 14.65 -12.77
N TYR A 60 -0.87 15.05 -13.39
CA TYR A 60 -0.78 15.03 -14.83
C TYR A 60 -0.96 13.63 -15.38
N ARG A 61 -0.42 12.62 -14.70
CA ARG A 61 -0.57 11.26 -15.19
C ARG A 61 -2.01 10.76 -15.08
N ARG A 62 -2.81 11.34 -14.18
CA ARG A 62 -4.21 11.00 -14.07
C ARG A 62 -5.11 11.87 -14.94
N GLY A 63 -4.53 12.71 -15.80
CA GLY A 63 -5.27 13.36 -16.85
C GLY A 63 -5.55 14.85 -16.70
N ALA A 64 -4.83 15.55 -15.82
CA ALA A 64 -5.00 16.98 -15.70
C ALA A 64 -4.51 17.70 -16.97
N ALA A 65 -4.97 18.95 -17.13
CA ALA A 65 -4.65 19.72 -18.33
C ALA A 65 -3.29 20.40 -18.18
N LYS A 66 -3.25 21.50 -17.44
CA LYS A 66 -2.02 22.25 -17.22
C LYS A 66 -1.60 22.05 -15.77
N VAL A 67 -0.32 21.74 -15.55
CA VAL A 67 0.21 21.53 -14.20
C VAL A 67 1.44 22.40 -14.00
N VAL A 68 1.42 23.21 -12.95
CA VAL A 68 2.51 24.14 -12.61
C VAL A 68 2.97 23.83 -11.20
N GLY A 69 4.27 23.75 -11.00
CA GLY A 69 4.85 23.47 -9.68
C GLY A 69 5.68 24.64 -9.18
N VAL A 70 5.64 24.88 -7.87
CA VAL A 70 6.36 25.97 -7.22
C VAL A 70 7.05 25.44 -5.97
N ASP A 71 8.32 25.79 -5.79
CA ASP A 71 9.07 25.40 -4.61
C ASP A 71 10.10 26.48 -4.32
N ILE A 72 10.39 26.69 -3.03
CA ILE A 72 11.39 27.67 -2.62
C ILE A 72 12.82 27.20 -2.90
N SER A 73 13.03 25.88 -3.02
CA SER A 73 14.39 25.32 -3.11
C SER A 73 14.84 25.18 -4.56
N GLU A 74 15.90 25.90 -4.92
CA GLU A 74 16.47 25.75 -6.26
C GLU A 74 16.93 24.31 -6.51
N LYS A 75 17.41 23.63 -5.46
CA LYS A 75 17.84 22.25 -5.62
C LYS A 75 16.66 21.33 -5.93
N MET A 76 15.54 21.52 -5.23
CA MET A 76 14.38 20.66 -5.49
C MET A 76 13.79 20.96 -6.85
N ILE A 77 13.78 22.23 -7.27
CA ILE A 77 13.27 22.52 -8.61
C ILE A 77 14.16 21.90 -9.67
N GLU A 78 15.47 21.86 -9.42
CA GLU A 78 16.39 21.23 -10.37
C GLU A 78 16.11 19.74 -10.51
N LEU A 79 15.83 19.06 -9.39
CA LEU A 79 15.46 17.65 -9.47
C LEU A 79 14.11 17.48 -10.15
N ALA A 80 13.17 18.39 -9.88
CA ALA A 80 11.85 18.29 -10.48
C ALA A 80 11.94 18.44 -11.99
N ARG A 81 12.73 19.41 -12.46
CA ARG A 81 12.84 19.65 -13.89
C ARG A 81 13.52 18.48 -14.58
N GLU A 82 14.48 17.85 -13.90
CA GLU A 82 15.16 16.70 -14.49
C GLU A 82 14.21 15.50 -14.63
N GLU A 83 13.29 15.32 -13.67
CA GLU A 83 12.29 14.28 -13.80
C GLU A 83 11.34 14.56 -14.96
N SER A 84 10.92 15.81 -15.12
CA SER A 84 10.05 16.13 -16.26
C SER A 84 10.78 15.93 -17.58
N ARG A 85 12.08 16.24 -17.62
CA ARG A 85 12.87 16.01 -18.83
C ARG A 85 12.99 14.52 -19.12
N LYS A 86 13.17 13.71 -18.07
CA LYS A 86 13.37 12.26 -18.27
C LYS A 86 12.10 11.57 -18.75
N TYR A 87 10.94 11.97 -18.24
CA TYR A 87 9.67 11.40 -18.65
C TYR A 87 9.00 12.17 -19.77
N GLY A 88 9.59 13.27 -20.24
CA GLY A 88 9.01 14.03 -21.33
C GLY A 88 7.64 14.60 -21.05
N ASP A 89 7.37 15.01 -19.81
CA ASP A 89 6.05 15.53 -19.47
C ASP A 89 6.05 17.07 -19.53
N PRO A 90 4.88 17.71 -19.54
CA PRO A 90 4.82 19.15 -19.75
C PRO A 90 4.81 20.01 -18.49
N LEU A 91 5.13 19.45 -17.33
CA LEU A 91 5.12 20.25 -16.11
C LEU A 91 6.12 21.39 -16.21
N GLU A 92 5.70 22.56 -15.75
CA GLU A 92 6.54 23.75 -15.65
C GLU A 92 6.74 24.09 -14.19
N PHE A 93 7.95 24.51 -13.82
CA PHE A 93 8.30 24.72 -12.42
C PHE A 93 8.86 26.13 -12.19
N HIS A 94 8.62 26.67 -10.98
CA HIS A 94 9.14 27.98 -10.60
C HIS A 94 9.70 27.95 -9.19
N VAL A 95 10.77 28.70 -8.97
CA VAL A 95 11.35 28.90 -7.64
C VAL A 95 10.68 30.15 -7.04
N ARG A 96 9.87 29.94 -6.01
CA ARG A 96 9.19 31.03 -5.32
C ARG A 96 9.05 30.69 -3.85
N ASP A 97 9.05 31.73 -3.01
CA ASP A 97 8.59 31.60 -1.63
C ASP A 97 7.08 31.88 -1.64
N VAL A 98 6.28 30.88 -1.24
CA VAL A 98 4.84 31.01 -1.42
C VAL A 98 4.27 32.13 -0.55
N ALA A 99 4.89 32.38 0.60
CA ALA A 99 4.43 33.47 1.45
C ALA A 99 4.66 34.83 0.83
N ASN A 100 5.51 34.94 -0.20
CA ASN A 100 5.86 36.24 -0.79
C ASN A 100 5.56 36.37 -2.27
N MET A 101 4.99 35.36 -2.90
CA MET A 101 4.88 35.39 -4.34
C MET A 101 3.57 36.03 -4.80
N GLU A 102 3.58 36.50 -6.05
CA GLU A 102 2.39 36.87 -6.80
C GLU A 102 1.72 35.63 -7.37
N PRO A 103 0.39 35.65 -7.53
CA PRO A 103 -0.27 34.58 -8.27
C PRO A 103 0.26 34.44 -9.69
N LEU A 104 0.30 33.18 -10.14
CA LEU A 104 0.78 32.81 -11.47
C LEU A 104 -0.35 32.41 -12.40
N GLY A 105 -1.59 32.75 -12.05
CA GLY A 105 -2.74 32.31 -12.83
C GLY A 105 -3.86 31.85 -11.94
N GLN A 106 -5.01 31.50 -12.54
CA GLN A 106 -6.18 30.98 -11.84
C GLN A 106 -6.32 29.51 -12.15
N PHE A 107 -6.40 28.68 -11.12
CA PHE A 107 -6.35 27.23 -11.28
C PHE A 107 -7.63 26.60 -10.71
N ASP A 108 -8.05 25.49 -11.32
CA ASP A 108 -9.15 24.68 -10.77
C ASP A 108 -8.75 24.00 -9.46
N LEU A 109 -7.49 23.61 -9.32
CA LEU A 109 -7.01 22.90 -8.15
C LEU A 109 -5.69 23.49 -7.70
N VAL A 110 -5.55 23.77 -6.41
CA VAL A 110 -4.26 24.02 -5.80
C VAL A 110 -3.98 22.87 -4.84
N ASN A 111 -2.88 22.17 -5.09
CA ASN A 111 -2.41 21.11 -4.21
C ASN A 111 -1.24 21.64 -3.40
N ALA A 112 -1.29 21.46 -2.09
CA ALA A 112 -0.25 22.00 -1.20
C ALA A 112 0.04 20.94 -0.15
N ALA A 113 0.81 19.94 -0.54
CA ALA A 113 1.22 18.88 0.38
C ALA A 113 2.52 19.30 1.06
N TRP A 114 2.45 19.52 2.38
CA TRP A 114 3.61 19.90 3.19
C TRP A 114 4.14 21.29 2.83
N LEU A 115 3.22 22.24 2.67
CA LEU A 115 3.55 23.65 2.52
C LEU A 115 3.38 24.44 3.82
N PHE A 116 2.20 24.35 4.43
CA PHE A 116 1.84 25.31 5.47
C PHE A 116 2.64 25.11 6.74
N ASN A 117 3.09 23.88 7.00
CA ASN A 117 3.92 23.62 8.18
C ASN A 117 5.32 24.22 8.05
N TYR A 118 5.62 24.86 6.93
CA TYR A 118 6.87 25.59 6.78
C TYR A 118 6.69 27.10 6.84
N ALA A 119 5.46 27.58 7.04
CA ALA A 119 5.25 28.97 7.43
C ALA A 119 5.88 29.21 8.82
N ASP A 120 6.79 30.17 8.91
CA ASP A 120 7.56 30.33 10.14
C ASP A 120 6.95 31.36 11.10
N SER A 121 5.75 31.84 10.80
CA SER A 121 4.96 32.69 11.68
C SER A 121 3.50 32.53 11.26
N VAL A 122 2.59 32.82 12.19
CA VAL A 122 1.18 32.87 11.80
C VAL A 122 0.96 33.95 10.75
N GLU A 123 1.73 35.04 10.81
CA GLU A 123 1.63 36.05 9.75
C GLU A 123 1.93 35.43 8.39
N ASN A 124 2.99 34.63 8.31
CA ASN A 124 3.31 34.01 7.04
C ASN A 124 2.30 32.92 6.67
N LEU A 125 1.74 32.23 7.65
CA LEU A 125 0.64 31.30 7.37
C LEU A 125 -0.50 32.02 6.66
N ARG A 126 -0.92 33.15 7.21
CA ARG A 126 -2.04 33.91 6.64
C ARG A 126 -1.71 34.37 5.24
N LYS A 127 -0.49 34.83 5.00
CA LYS A 127 -0.11 35.26 3.66
C LYS A 127 -0.22 34.11 2.66
N MET A 128 0.23 32.90 3.04
CA MET A 128 0.14 31.76 2.14
C MET A 128 -1.31 31.48 1.74
N PHE A 129 -2.22 31.45 2.72
CA PHE A 129 -3.61 31.16 2.38
C PHE A 129 -4.18 32.24 1.45
N LYS A 130 -3.80 33.51 1.68
CA LYS A 130 -4.29 34.58 0.81
C LYS A 130 -3.81 34.39 -0.62
N VAL A 131 -2.55 33.99 -0.77
CA VAL A 131 -1.97 33.68 -2.08
C VAL A 131 -2.73 32.52 -2.74
N VAL A 132 -3.00 31.46 -1.98
CA VAL A 132 -3.74 30.33 -2.53
C VAL A 132 -5.12 30.77 -3.00
N ARG A 133 -5.83 31.58 -2.20
CA ARG A 133 -7.14 32.06 -2.63
C ARG A 133 -7.03 32.86 -3.92
N ALA A 134 -5.97 33.65 -4.05
CA ALA A 134 -5.78 34.47 -5.25
C ALA A 134 -5.38 33.62 -6.45
N SER A 135 -5.11 32.33 -6.26
CA SER A 135 -4.72 31.46 -7.35
C SER A 135 -5.86 30.55 -7.80
N LEU A 136 -7.05 30.68 -7.21
CA LEU A 136 -8.13 29.72 -7.41
C LEU A 136 -9.27 30.35 -8.19
N LYS A 137 -9.81 29.58 -9.14
CA LYS A 137 -11.05 29.93 -9.79
C LYS A 137 -12.19 29.87 -8.76
N PRO A 138 -13.29 30.59 -9.02
CA PRO A 138 -14.35 30.69 -7.99
C PRO A 138 -14.95 29.34 -7.61
N ASP A 139 -14.86 28.33 -8.47
CA ASP A 139 -15.35 27.00 -8.17
C ASP A 139 -14.22 25.99 -7.95
N GLY A 140 -12.98 26.46 -7.77
CA GLY A 140 -11.86 25.58 -7.50
C GLY A 140 -11.79 25.17 -6.05
N LYS A 141 -10.70 24.48 -5.71
CA LYS A 141 -10.49 24.08 -4.32
C LYS A 141 -9.01 23.91 -4.01
N LEU A 142 -8.68 24.09 -2.75
CA LEU A 142 -7.38 23.81 -2.18
C LEU A 142 -7.41 22.45 -1.49
N VAL A 143 -6.50 21.57 -1.87
CA VAL A 143 -6.26 20.32 -1.15
C VAL A 143 -4.88 20.44 -0.52
N ALA A 144 -4.82 20.32 0.80
CA ALA A 144 -3.58 20.52 1.54
C ALA A 144 -3.30 19.34 2.46
N TYR A 145 -2.03 19.18 2.82
CA TYR A 145 -1.60 18.17 3.77
C TYR A 145 -0.59 18.83 4.69
N THR A 146 -0.76 18.68 5.99
CA THR A 146 0.05 19.48 6.91
C THR A 146 0.11 18.79 8.26
N VAL A 147 0.78 19.45 9.20
CA VAL A 147 0.96 18.93 10.55
C VAL A 147 -0.36 19.07 11.30
N ASP A 148 -0.76 18.00 11.99
CA ASP A 148 -1.95 18.06 12.84
C ASP A 148 -1.69 18.99 14.03
N PRO A 149 -2.48 20.05 14.21
CA PRO A 149 -2.23 20.96 15.35
C PRO A 149 -2.16 20.23 16.70
N ASP A 150 -2.80 19.07 16.81
CA ASP A 150 -2.90 18.37 18.09
C ASP A 150 -1.79 17.36 18.33
N PHE A 151 -0.87 17.17 17.38
CA PHE A 151 0.29 16.32 17.64
C PHE A 151 1.05 16.85 18.87
N SER A 152 1.48 15.93 19.73
CA SER A 152 2.29 16.26 20.90
C SER A 152 3.45 15.29 20.99
N LEU A 153 4.67 15.81 21.13
CA LEU A 153 5.83 14.93 21.21
C LEU A 153 5.80 14.06 22.47
N ALA A 154 5.17 14.54 23.54
CA ALA A 154 5.05 13.73 24.76
C ALA A 154 4.25 12.45 24.54
N LYS A 155 3.37 12.43 23.55
CA LYS A 155 2.54 11.25 23.29
C LYS A 155 3.18 10.24 22.36
N GLY A 156 4.41 10.47 21.91
CA GLY A 156 5.11 9.49 21.11
C GLY A 156 5.74 10.03 19.85
N ASN A 157 6.94 9.55 19.53
CA ASN A 157 7.68 9.96 18.35
C ASN A 157 7.11 9.28 17.10
N PHE A 158 7.41 9.87 15.95
CA PHE A 158 6.99 9.35 14.67
C PHE A 158 8.11 8.65 13.91
N ALA A 159 9.24 8.37 14.56
CA ALA A 159 10.41 7.90 13.82
C ALA A 159 10.11 6.60 13.08
N LYS A 160 9.34 5.70 13.70
CA LYS A 160 9.07 4.42 13.05
C LYS A 160 8.21 4.57 11.81
N TYR A 161 7.52 5.69 11.64
CA TYR A 161 6.77 5.93 10.42
C TYR A 161 7.57 6.71 9.38
N GLY A 162 8.80 7.10 9.69
CA GLY A 162 9.66 7.80 8.75
C GLY A 162 10.11 9.18 9.19
N VAL A 163 9.55 9.77 10.24
CA VAL A 163 9.90 11.15 10.64
C VAL A 163 10.29 11.15 12.11
N ASN A 164 11.58 11.30 12.38
CA ASN A 164 12.08 11.39 13.75
C ASN A 164 11.95 12.84 14.21
N VAL A 165 10.99 13.12 15.09
CA VAL A 165 10.79 14.45 15.65
C VAL A 165 11.71 14.59 16.86
N LEU A 166 12.67 15.51 16.80
CA LEU A 166 13.72 15.57 17.80
C LEU A 166 13.35 16.37 19.05
N ASN A 167 12.55 17.42 18.93
CA ASN A 167 12.22 18.26 20.07
C ASN A 167 10.94 19.02 19.75
N GLU A 168 10.52 19.85 20.70
CA GLU A 168 9.29 20.63 20.58
C GLU A 168 9.49 21.88 21.44
N ARG A 169 9.38 23.06 20.83
CA ARG A 169 9.64 24.32 21.51
C ARG A 169 8.47 25.26 21.29
N ALA A 170 8.11 26.02 22.32
CA ALA A 170 7.10 27.05 22.11
C ALA A 170 7.65 28.11 21.16
N TRP A 171 6.81 28.61 20.27
CA TRP A 171 7.31 29.52 19.24
C TRP A 171 6.17 30.49 18.88
N GLY A 172 6.16 31.63 19.54
CA GLY A 172 5.05 32.54 19.42
C GLY A 172 3.78 31.81 19.84
N PRO A 173 2.72 31.93 19.04
CA PRO A 173 1.46 31.25 19.38
C PRO A 173 1.42 29.76 19.05
N GLY A 174 2.49 29.19 18.52
CA GLY A 174 2.49 27.80 18.14
C GLY A 174 3.70 27.06 18.69
N TYR A 175 4.19 26.10 17.91
CA TYR A 175 5.35 25.32 18.28
C TYR A 175 6.24 25.13 17.07
N ARG A 176 7.55 25.02 17.32
CA ARG A 176 8.53 24.66 16.32
C ARG A 176 9.18 23.33 16.72
N HIS A 177 9.42 22.49 15.72
CA HIS A 177 9.99 21.16 15.91
C HIS A 177 11.23 21.00 15.03
N ASP A 178 12.31 20.52 15.61
CA ASP A 178 13.44 19.99 14.85
C ASP A 178 13.18 18.51 14.57
N ALA A 179 13.59 18.04 13.39
CA ALA A 179 13.27 16.67 12.98
C ALA A 179 14.29 16.18 11.96
N GLU A 180 14.14 14.92 11.57
CA GLU A 180 14.93 14.38 10.47
C GLU A 180 14.15 13.25 9.83
N PHE A 181 14.17 13.21 8.50
CA PHE A 181 13.62 12.06 7.79
C PHE A 181 14.52 10.86 8.02
N VAL A 182 13.92 9.69 8.23
CA VAL A 182 14.71 8.48 8.42
C VAL A 182 15.24 8.03 7.07
N THR A 183 16.43 8.52 6.72
CA THR A 183 17.13 8.21 5.49
C THR A 183 18.59 7.92 5.85
N ASP A 184 19.38 7.61 4.84
CA ASP A 184 20.80 7.30 5.07
C ASP A 184 21.69 8.23 4.29
N PRO A 185 22.36 9.17 4.97
CA PRO A 185 22.19 9.47 6.39
C PRO A 185 20.89 10.24 6.62
N PRO A 186 20.48 10.43 7.86
CA PRO A 186 19.23 11.17 8.11
C PRO A 186 19.34 12.62 7.69
N SER A 187 18.22 13.19 7.23
CA SER A 187 18.20 14.54 6.70
C SER A 187 17.38 15.44 7.61
N GLN A 188 18.04 16.45 8.19
CA GLN A 188 17.46 17.30 9.22
C GLN A 188 16.63 18.41 8.58
N PHE A 189 15.55 18.77 9.25
CA PHE A 189 14.69 19.87 8.85
C PHE A 189 13.93 20.33 10.08
N SER A 190 13.28 21.47 9.96
CA SER A 190 12.45 22.00 11.03
C SER A 190 11.09 22.37 10.46
N PHE A 191 10.06 22.29 11.30
CA PHE A 191 8.71 22.60 10.87
C PHE A 191 7.96 23.24 12.02
N TYR A 192 6.79 23.79 11.71
CA TYR A 192 6.01 24.60 12.63
C TYR A 192 4.63 23.99 12.82
N ARG A 193 4.15 24.01 14.05
CA ARG A 193 2.85 23.46 14.40
C ARG A 193 1.99 24.61 14.90
N TRP A 194 1.17 25.15 14.01
CA TRP A 194 0.27 26.23 14.40
C TRP A 194 -1.04 25.63 14.86
N SER A 195 -1.72 26.36 15.73
CA SER A 195 -2.93 25.86 16.36
C SER A 195 -4.07 25.74 15.35
N ARG A 196 -5.04 24.90 15.69
CA ARG A 196 -6.21 24.77 14.82
C ARG A 196 -6.92 26.11 14.66
N ALA A 197 -7.02 26.89 15.74
CA ALA A 197 -7.71 28.17 15.67
C ALA A 197 -7.04 29.12 14.69
N ASP A 198 -5.69 29.17 14.71
CA ASP A 198 -4.97 30.07 13.81
C ASP A 198 -5.11 29.64 12.36
N TYR A 199 -5.11 28.32 12.11
CA TYR A 199 -5.37 27.81 10.76
C TYR A 199 -6.74 28.25 10.28
N GLU A 200 -7.78 28.04 11.10
CA GLU A 200 -9.14 28.33 10.66
C GLU A 200 -9.35 29.83 10.50
N SER A 201 -8.69 30.64 11.32
CA SER A 201 -8.72 32.08 11.11
C SER A 201 -7.99 32.48 9.83
N ALA A 202 -6.84 31.87 9.55
CA ALA A 202 -6.13 32.16 8.30
C ALA A 202 -6.98 31.80 7.09
N ILE A 203 -7.68 30.66 7.17
CA ILE A 203 -8.53 30.24 6.06
C ILE A 203 -9.70 31.20 5.86
N ALA A 204 -10.40 31.54 6.95
CA ALA A 204 -11.52 32.46 6.84
C ALA A 204 -11.07 33.81 6.27
N ASP A 205 -10.02 34.39 6.86
CA ASP A 205 -9.62 35.75 6.47
C ASP A 205 -9.05 35.81 5.06
N ALA A 206 -8.65 34.67 4.51
CA ALA A 206 -8.21 34.63 3.12
C ALA A 206 -9.36 34.57 2.14
N GLY A 207 -10.59 34.38 2.62
CA GLY A 207 -11.74 34.35 1.74
C GLY A 207 -12.23 32.98 1.33
N PHE A 208 -11.89 31.93 2.07
CA PHE A 208 -12.51 30.63 1.89
C PHE A 208 -13.74 30.54 2.78
N SER A 209 -14.87 30.16 2.19
CA SER A 209 -16.08 29.98 2.98
C SER A 209 -16.19 28.59 3.61
N HIS A 210 -15.57 27.58 3.01
CA HIS A 210 -15.65 26.22 3.50
C HIS A 210 -14.26 25.66 3.71
N PHE A 211 -14.07 24.95 4.81
CA PHE A 211 -12.88 24.15 5.01
C PHE A 211 -13.32 22.86 5.67
N GLU A 212 -12.55 21.79 5.49
CA GLU A 212 -12.81 20.59 6.25
C GLU A 212 -11.51 19.85 6.52
N TRP A 213 -11.32 19.43 7.76
CA TRP A 213 -10.16 18.61 8.15
C TRP A 213 -10.41 17.16 7.77
N GLN A 214 -9.35 16.45 7.40
CA GLN A 214 -9.46 15.08 6.92
C GLN A 214 -8.46 14.21 7.65
N LYS A 215 -8.95 13.28 8.46
CA LYS A 215 -8.07 12.34 9.13
C LYS A 215 -7.39 11.46 8.08
N PRO A 216 -6.11 11.13 8.26
CA PRO A 216 -5.44 10.25 7.30
C PRO A 216 -6.17 8.91 7.16
N LEU A 217 -6.16 8.38 5.94
CA LEU A 217 -6.93 7.18 5.60
C LEU A 217 -6.10 5.93 5.83
N LEU A 218 -5.93 5.58 7.11
CA LEU A 218 -5.28 4.32 7.47
C LEU A 218 -6.26 3.18 7.29
N GLU A 219 -5.83 2.08 6.65
CA GLU A 219 -6.77 1.02 6.29
C GLU A 219 -6.36 -0.32 6.89
N ALA A 220 -7.33 -1.25 6.87
CA ALA A 220 -7.11 -2.58 7.45
C ALA A 220 -5.89 -3.26 6.86
N ASP A 221 -5.67 -3.14 5.54
CA ASP A 221 -4.49 -3.76 4.93
C ASP A 221 -3.18 -3.16 5.44
N ASP A 222 -3.19 -1.87 5.79
CA ASP A 222 -2.02 -1.28 6.45
C ASP A 222 -1.77 -1.95 7.79
N ILE A 223 -2.82 -2.16 8.56
CA ILE A 223 -2.66 -2.74 9.90
C ILE A 223 -2.21 -4.20 9.80
N ALA A 224 -2.75 -4.93 8.81
CA ALA A 224 -2.47 -6.36 8.67
C ALA A 224 -0.99 -6.62 8.44
N THR A 225 -0.28 -5.72 7.78
CA THR A 225 1.08 -6.01 7.31
C THR A 225 2.15 -5.43 8.22
N HIS A 226 1.80 -5.00 9.43
CA HIS A 226 2.76 -4.55 10.42
C HIS A 226 2.46 -5.24 11.73
N PRO A 227 3.42 -5.31 12.65
CA PRO A 227 3.18 -6.00 13.91
C PRO A 227 2.03 -5.38 14.65
N PRO A 228 1.38 -6.14 15.53
CA PRO A 228 0.28 -5.58 16.32
C PRO A 228 0.71 -4.30 17.04
N GLY A 229 -0.17 -3.30 17.03
CA GLY A 229 0.07 -2.06 17.72
C GLY A 229 0.95 -1.06 16.98
N PHE A 230 1.54 -1.45 15.84
CA PHE A 230 2.47 -0.58 15.11
C PHE A 230 1.88 0.79 14.84
N TRP A 231 0.59 0.86 14.52
CA TRP A 231 -0.05 2.12 14.13
C TRP A 231 -0.72 2.85 15.30
N ASP A 232 -0.54 2.37 16.55
CA ASP A 232 -1.15 3.04 17.71
C ASP A 232 -0.76 4.51 17.80
N VAL A 233 0.53 4.83 17.71
CA VAL A 233 0.95 6.23 17.81
C VAL A 233 0.40 7.04 16.63
N PHE A 234 0.39 6.44 15.44
CA PHE A 234 -0.20 7.10 14.28
C PHE A 234 -1.67 7.43 14.52
N GLN A 235 -2.40 6.51 15.17
CA GLN A 235 -3.83 6.73 15.39
C GLN A 235 -4.10 7.63 16.60
N ASN A 236 -3.29 7.54 17.65
CA ASN A 236 -3.55 8.30 18.88
C ASN A 236 -2.81 9.64 18.95
N ASN A 237 -1.81 9.85 18.12
CA ASN A 237 -0.99 11.05 18.23
C ASN A 237 -0.49 11.43 16.84
N CYS A 238 -1.41 11.57 15.90
CA CYS A 238 -1.02 11.66 14.51
C CYS A 238 -0.29 12.97 14.23
N LEU A 239 0.80 12.87 13.49
CA LEU A 239 1.56 14.05 13.11
C LEU A 239 0.94 14.78 11.93
N GLN A 240 0.12 14.11 11.12
CA GLN A 240 -0.31 14.66 9.85
C GLN A 240 -1.83 14.74 9.76
N THR A 241 -2.32 15.65 8.91
CA THR A 241 -3.75 15.76 8.65
C THR A 241 -3.98 16.33 7.26
N GLY A 242 -5.13 15.98 6.69
CA GLY A 242 -5.53 16.56 5.43
C GLY A 242 -6.42 17.78 5.66
N LEU A 243 -6.56 18.59 4.63
CA LEU A 243 -7.36 19.81 4.71
C LEU A 243 -7.83 20.20 3.32
N VAL A 244 -9.13 20.45 3.18
CA VAL A 244 -9.69 20.93 1.91
C VAL A 244 -10.39 22.26 2.18
N CYS A 245 -10.15 23.24 1.31
CA CYS A 245 -10.74 24.56 1.42
C CYS A 245 -11.38 24.90 0.09
N LYS A 246 -12.54 25.56 0.14
CA LYS A 246 -13.25 25.97 -1.07
C LYS A 246 -13.62 27.45 -0.95
N PRO A 247 -13.41 28.25 -2.01
CA PRO A 247 -13.73 29.68 -2.01
C PRO A 247 -15.17 29.96 -1.63
N THR B 6 8.59 -34.82 0.85
CA THR B 6 9.47 -33.72 1.26
C THR B 6 8.82 -32.36 0.98
N ALA B 7 8.72 -31.53 2.02
CA ALA B 7 8.07 -30.23 1.92
C ALA B 7 9.09 -29.14 1.63
N ARG B 8 8.98 -28.52 0.45
CA ARG B 8 9.98 -27.56 0.01
C ARG B 8 10.14 -26.41 1.00
N TYR B 9 9.06 -26.02 1.71
CA TYR B 9 9.16 -24.89 2.63
C TYR B 9 9.84 -25.23 3.95
N ASP B 10 10.14 -26.51 4.21
CA ASP B 10 10.98 -26.83 5.35
C ASP B 10 12.38 -26.25 5.21
N SER B 11 12.77 -25.82 4.01
N SER B 11 12.77 -25.82 4.01
CA SER B 11 14.06 -25.17 3.79
CA SER B 11 14.06 -25.17 3.78
C SER B 11 13.93 -23.66 3.58
C SER B 11 13.92 -23.68 3.48
N ILE B 12 12.70 -23.16 3.39
CA ILE B 12 12.49 -21.73 3.19
C ILE B 12 12.30 -21.02 4.52
N GLY B 13 11.40 -21.55 5.38
CA GLY B 13 11.29 -21.03 6.73
C GLY B 13 10.95 -19.55 6.79
N GLY B 14 11.75 -18.80 7.56
CA GLY B 14 11.48 -17.39 7.81
C GLY B 14 11.74 -16.47 6.63
N LEU B 15 12.45 -16.94 5.61
CA LEU B 15 12.65 -16.15 4.41
C LEU B 15 11.34 -15.88 3.66
N PHE B 16 10.32 -16.71 3.84
CA PHE B 16 9.07 -16.41 3.16
C PHE B 16 8.43 -15.14 3.70
N GLU B 17 8.46 -14.94 5.02
CA GLU B 17 7.92 -13.70 5.59
C GLU B 17 8.72 -12.48 5.12
N ASP B 18 10.04 -12.63 4.96
CA ASP B 18 10.84 -11.55 4.39
C ASP B 18 10.35 -11.21 2.99
N PHE B 19 10.02 -12.23 2.19
CA PHE B 19 9.45 -11.98 0.87
C PHE B 19 8.14 -11.19 0.97
N THR B 20 7.25 -11.61 1.87
CA THR B 20 5.95 -10.92 2.01
C THR B 20 6.11 -9.48 2.45
N GLN B 21 7.21 -9.16 3.13
CA GLN B 21 7.43 -7.77 3.56
C GLN B 21 8.03 -6.90 2.47
N SER B 22 8.59 -7.49 1.41
CA SER B 22 9.33 -6.71 0.41
C SER B 22 8.76 -6.77 -1.00
N ALA B 23 8.07 -7.85 -1.38
CA ALA B 23 7.61 -8.00 -2.76
C ALA B 23 6.49 -7.01 -3.09
N ALA B 24 6.60 -6.36 -4.26
CA ALA B 24 5.55 -5.45 -4.71
C ALA B 24 4.21 -6.14 -4.90
N GLN B 25 4.20 -7.43 -5.28
CA GLN B 25 2.94 -8.08 -5.57
C GLN B 25 2.11 -8.38 -4.32
N ARG B 26 2.73 -8.43 -3.13
CA ARG B 26 2.03 -8.90 -1.95
C ARG B 26 0.86 -7.97 -1.58
N ALA B 27 1.06 -6.66 -1.67
CA ALA B 27 -0.05 -5.75 -1.36
C ALA B 27 -1.26 -6.01 -2.26
N ILE B 28 -1.01 -6.36 -3.53
CA ILE B 28 -2.12 -6.65 -4.44
C ILE B 28 -2.81 -7.95 -4.04
N GLU B 29 -2.03 -9.00 -3.74
CA GLU B 29 -2.60 -10.26 -3.26
C GLU B 29 -3.49 -10.03 -2.05
N VAL B 30 -2.94 -9.36 -1.02
CA VAL B 30 -3.67 -9.16 0.22
C VAL B 30 -4.98 -8.43 -0.04
N ARG B 31 -4.92 -7.33 -0.79
CA ARG B 31 -6.12 -6.56 -1.08
C ARG B 31 -7.15 -7.40 -1.82
N THR B 32 -6.69 -8.19 -2.80
CA THR B 32 -7.65 -8.98 -3.59
C THR B 32 -8.29 -10.07 -2.74
N ILE B 33 -7.50 -10.76 -1.90
CA ILE B 33 -8.04 -11.86 -1.11
C ILE B 33 -9.08 -11.35 -0.12
N PHE B 34 -8.80 -10.23 0.55
CA PHE B 34 -9.80 -9.74 1.48
C PHE B 34 -11.00 -9.12 0.77
N HIS B 35 -10.83 -8.65 -0.47
CA HIS B 35 -12.00 -8.24 -1.24
C HIS B 35 -12.92 -9.43 -1.50
N MET B 36 -12.35 -10.58 -1.89
CA MET B 36 -13.14 -11.78 -2.14
C MET B 36 -13.76 -12.32 -0.86
N ILE B 37 -13.04 -12.22 0.25
CA ILE B 37 -13.52 -12.78 1.51
C ILE B 37 -14.73 -12.01 2.02
N GLY B 38 -14.65 -10.67 2.03
CA GLY B 38 -15.74 -9.88 2.59
C GLY B 38 -15.78 -9.95 4.11
N ASP B 39 -16.97 -9.82 4.67
CA ASP B 39 -17.14 -9.80 6.12
C ASP B 39 -16.96 -11.19 6.73
N VAL B 40 -16.13 -11.29 7.76
CA VAL B 40 -15.88 -12.57 8.43
C VAL B 40 -16.47 -12.63 9.84
N SER B 41 -17.19 -11.58 10.27
CA SER B 41 -17.71 -11.52 11.63
C SER B 41 -18.44 -12.80 12.02
N GLY B 42 -17.97 -13.43 13.08
CA GLY B 42 -18.63 -14.57 13.66
C GLY B 42 -18.46 -15.87 12.90
N LYS B 43 -17.61 -15.91 11.88
CA LYS B 43 -17.45 -17.11 11.05
C LYS B 43 -16.36 -18.02 11.60
N SER B 44 -16.52 -19.32 11.35
CA SER B 44 -15.44 -20.28 11.54
C SER B 44 -14.69 -20.44 10.23
N VAL B 45 -13.36 -20.48 10.31
CA VAL B 45 -12.52 -20.33 9.13
C VAL B 45 -11.45 -21.40 9.14
N LEU B 46 -11.23 -22.00 7.97
CA LEU B 46 -10.14 -22.94 7.74
C LEU B 46 -9.19 -22.30 6.73
N ASP B 47 -7.92 -22.11 7.14
CA ASP B 47 -6.88 -21.50 6.29
C ASP B 47 -5.93 -22.60 5.82
N LEU B 48 -6.03 -22.98 4.55
CA LEU B 48 -5.21 -24.07 4.02
C LEU B 48 -3.93 -23.53 3.40
N ALA B 49 -2.88 -24.34 3.45
CA ALA B 49 -1.54 -23.88 3.07
C ALA B 49 -1.22 -22.56 3.79
N CYS B 50 -1.39 -22.56 5.11
CA CYS B 50 -1.41 -21.31 5.86
C CYS B 50 -0.04 -20.68 6.03
N GLY B 51 1.05 -21.38 5.71
CA GLY B 51 2.38 -20.79 5.90
C GLY B 51 2.60 -20.42 7.36
N PHE B 52 3.10 -19.21 7.62
CA PHE B 52 3.23 -18.79 9.01
C PHE B 52 1.92 -18.22 9.57
N GLY B 53 0.82 -18.38 8.85
CA GLY B 53 -0.49 -18.08 9.37
C GLY B 53 -1.05 -16.73 9.03
N PHE B 54 -0.46 -16.01 8.07
CA PHE B 54 -0.81 -14.61 7.81
C PHE B 54 -2.32 -14.40 7.65
N PHE B 55 -2.93 -15.08 6.68
CA PHE B 55 -4.31 -14.78 6.34
C PHE B 55 -5.26 -15.19 7.45
N GLY B 56 -5.06 -16.38 8.01
CA GLY B 56 -5.91 -16.82 9.12
C GLY B 56 -5.84 -15.85 10.28
N ARG B 57 -4.63 -15.39 10.60
CA ARG B 57 -4.43 -14.50 11.73
C ARG B 57 -5.08 -13.13 11.48
N GLU B 58 -4.92 -12.58 10.27
CA GLU B 58 -5.63 -11.35 9.96
C GLU B 58 -7.14 -11.56 9.93
N ILE B 59 -7.60 -12.71 9.43
CA ILE B 59 -9.02 -13.01 9.42
C ILE B 59 -9.56 -13.04 10.86
N TYR B 60 -8.79 -13.58 11.79
CA TYR B 60 -9.21 -13.54 13.19
C TYR B 60 -9.24 -12.11 13.70
N ARG B 61 -8.26 -11.29 13.32
CA ARG B 61 -8.28 -9.91 13.78
C ARG B 61 -9.49 -9.15 13.27
N ARG B 62 -9.97 -9.48 12.07
CA ARG B 62 -11.14 -8.81 11.54
C ARG B 62 -12.46 -9.38 12.04
N GLY B 63 -12.43 -10.31 12.99
CA GLY B 63 -13.65 -10.69 13.69
C GLY B 63 -14.13 -12.12 13.49
N ALA B 64 -13.41 -13.00 12.82
CA ALA B 64 -13.85 -14.40 12.73
C ALA B 64 -13.93 -15.00 14.13
N ALA B 65 -14.88 -15.91 14.30
CA ALA B 65 -15.08 -16.52 15.61
C ALA B 65 -13.98 -17.55 15.92
N LYS B 66 -13.53 -18.30 14.91
CA LYS B 66 -12.56 -19.36 15.12
C LYS B 66 -11.81 -19.58 13.82
N VAL B 67 -10.50 -19.82 13.92
CA VAL B 67 -9.65 -20.01 12.76
C VAL B 67 -8.71 -21.19 13.00
N VAL B 68 -8.66 -22.10 12.04
CA VAL B 68 -7.76 -23.25 12.06
C VAL B 68 -6.90 -23.18 10.81
N GLY B 69 -5.60 -23.47 10.95
CA GLY B 69 -4.65 -23.38 9.85
C GLY B 69 -3.97 -24.72 9.60
N VAL B 70 -3.76 -25.03 8.32
CA VAL B 70 -3.17 -26.31 7.91
C VAL B 70 -2.08 -26.05 6.88
N ASP B 71 -0.92 -26.68 7.09
CA ASP B 71 0.18 -26.61 6.13
C ASP B 71 0.89 -27.96 6.14
N ILE B 72 1.49 -28.30 5.00
CA ILE B 72 2.21 -29.56 4.89
C ILE B 72 3.59 -29.50 5.55
N SER B 73 4.10 -28.30 5.83
CA SER B 73 5.47 -28.11 6.29
C SER B 73 5.51 -28.04 7.81
N GLU B 74 6.26 -28.97 8.42
CA GLU B 74 6.50 -28.91 9.86
C GLU B 74 7.15 -27.59 10.25
N LYS B 75 8.12 -27.13 9.44
CA LYS B 75 8.84 -25.90 9.78
C LYS B 75 7.91 -24.69 9.72
N MET B 76 7.00 -24.63 8.74
CA MET B 76 6.12 -23.48 8.63
C MET B 76 5.09 -23.46 9.76
N ILE B 77 4.58 -24.62 10.17
CA ILE B 77 3.63 -24.66 11.29
C ILE B 77 4.34 -24.29 12.58
N GLU B 78 5.57 -24.75 12.77
CA GLU B 78 6.40 -24.29 13.87
C GLU B 78 6.44 -22.76 13.93
N LEU B 79 6.71 -22.11 12.81
CA LEU B 79 6.75 -20.65 12.78
C LEU B 79 5.36 -20.05 12.98
N ALA B 80 4.32 -20.70 12.47
CA ALA B 80 2.96 -20.23 12.66
C ALA B 80 2.58 -20.21 14.14
N ARG B 81 2.84 -21.32 14.85
CA ARG B 81 2.54 -21.38 16.27
C ARG B 81 3.37 -20.38 17.06
N GLU B 82 4.62 -20.18 16.64
CA GLU B 82 5.50 -19.23 17.31
C GLU B 82 4.94 -17.82 17.20
N GLU B 83 4.46 -17.45 16.01
CA GLU B 83 3.87 -16.13 15.84
C GLU B 83 2.56 -15.99 16.60
N SER B 84 1.77 -17.06 16.69
CA SER B 84 0.54 -17.00 17.47
C SER B 84 0.82 -16.85 18.96
N ARG B 85 1.92 -17.42 19.45
CA ARG B 85 2.27 -17.20 20.84
C ARG B 85 2.84 -15.79 21.06
N LYS B 86 3.59 -15.27 20.09
CA LYS B 86 4.21 -13.96 20.29
C LYS B 86 3.22 -12.82 20.11
N TYR B 87 2.17 -13.03 19.32
CA TYR B 87 1.11 -12.05 19.15
C TYR B 87 -0.13 -12.36 19.98
N GLY B 88 -0.14 -13.50 20.68
CA GLY B 88 -1.17 -13.78 21.66
C GLY B 88 -2.52 -14.24 21.15
N ASP B 89 -2.62 -14.68 19.88
CA ASP B 89 -3.92 -15.09 19.35
C ASP B 89 -4.18 -16.57 19.59
N PRO B 90 -5.45 -17.02 19.46
CA PRO B 90 -5.79 -18.42 19.78
C PRO B 90 -5.90 -19.36 18.59
N LEU B 91 -5.23 -19.08 17.49
CA LEU B 91 -5.32 -19.96 16.33
C LEU B 91 -4.67 -21.32 16.62
N GLU B 92 -5.25 -22.36 16.04
CA GLU B 92 -4.73 -23.72 16.15
C GLU B 92 -4.23 -24.17 14.78
N PHE B 93 -3.12 -24.90 14.75
CA PHE B 93 -2.51 -25.29 13.49
C PHE B 93 -2.32 -26.80 13.44
N HIS B 94 -2.31 -27.35 12.21
CA HIS B 94 -2.06 -28.76 11.98
C HIS B 94 -1.14 -28.95 10.78
N VAL B 95 -0.25 -29.93 10.88
CA VAL B 95 0.61 -30.33 9.78
C VAL B 95 -0.09 -31.44 9.02
N ARG B 96 -0.56 -31.14 7.82
CA ARG B 96 -1.32 -32.06 7.00
C ARG B 96 -1.08 -31.73 5.53
N ASP B 97 -1.07 -32.78 4.71
CA ASP B 97 -1.13 -32.63 3.26
C ASP B 97 -2.61 -32.48 2.89
N VAL B 98 -3.00 -31.32 2.37
CA VAL B 98 -4.42 -31.07 2.13
C VAL B 98 -4.99 -32.14 1.19
N ALA B 99 -4.20 -32.60 0.23
CA ALA B 99 -4.72 -33.62 -0.70
C ALA B 99 -5.10 -34.91 0.02
N ASN B 100 -4.49 -35.21 1.17
CA ASN B 100 -4.78 -36.43 1.93
C ASN B 100 -5.05 -36.09 3.39
N MET B 101 -5.91 -35.10 3.61
CA MET B 101 -6.05 -34.49 4.92
C MET B 101 -6.88 -35.36 5.85
N GLU B 102 -6.37 -35.58 7.06
CA GLU B 102 -7.21 -36.01 8.17
C GLU B 102 -8.35 -34.99 8.32
N PRO B 103 -9.61 -35.41 8.19
CA PRO B 103 -10.71 -34.43 8.04
C PRO B 103 -10.97 -33.61 9.31
N LEU B 104 -11.34 -32.33 9.13
CA LEU B 104 -11.45 -31.39 10.23
C LEU B 104 -12.86 -30.82 10.45
N GLY B 105 -13.86 -31.26 9.71
CA GLY B 105 -15.19 -30.71 9.89
C GLY B 105 -15.47 -29.58 8.91
N GLN B 106 -16.62 -28.94 9.11
CA GLN B 106 -17.17 -27.99 8.14
C GLN B 106 -17.03 -26.56 8.63
N PHE B 107 -16.68 -25.66 7.72
CA PHE B 107 -16.40 -24.26 8.04
C PHE B 107 -17.26 -23.35 7.18
N ASP B 108 -17.48 -22.14 7.68
CA ASP B 108 -18.13 -21.11 6.88
C ASP B 108 -17.23 -20.64 5.74
N LEU B 109 -15.94 -20.61 5.97
CA LEU B 109 -15.03 -20.03 5.00
C LEU B 109 -13.80 -20.92 4.95
N VAL B 110 -13.41 -21.31 3.74
CA VAL B 110 -12.10 -21.91 3.52
C VAL B 110 -11.28 -20.90 2.72
N ASN B 111 -10.12 -20.53 3.25
CA ASN B 111 -9.15 -19.69 2.56
C ASN B 111 -7.98 -20.55 2.12
N ALA B 112 -7.61 -20.46 0.81
CA ALA B 112 -6.52 -21.29 0.27
C ALA B 112 -5.65 -20.42 -0.63
N ALA B 113 -4.80 -19.61 -0.01
CA ALA B 113 -3.90 -18.73 -0.72
C ALA B 113 -2.63 -19.50 -1.05
N TRP B 114 -2.41 -19.73 -2.34
CA TRP B 114 -1.23 -20.43 -2.84
C TRP B 114 -1.17 -21.88 -2.35
N LEU B 115 -2.32 -22.57 -2.46
CA LEU B 115 -2.41 -24.00 -2.22
C LEU B 115 -2.38 -24.79 -3.52
N PHE B 116 -3.32 -24.51 -4.42
CA PHE B 116 -3.58 -25.41 -5.54
C PHE B 116 -2.41 -25.49 -6.51
N ASN B 117 -1.64 -24.42 -6.65
CA ASN B 117 -0.45 -24.41 -7.49
C ASN B 117 0.67 -25.29 -6.93
N TYR B 118 0.51 -25.89 -5.76
CA TYR B 118 1.47 -26.86 -5.28
C TYR B 118 0.97 -28.30 -5.46
N ALA B 119 -0.22 -28.49 -6.00
CA ALA B 119 -0.64 -29.83 -6.42
C ALA B 119 0.26 -30.31 -7.54
N ASP B 120 0.93 -31.45 -7.35
CA ASP B 120 1.94 -31.90 -8.30
C ASP B 120 1.37 -32.79 -9.41
N SER B 121 0.06 -32.91 -9.48
CA SER B 121 -0.61 -33.66 -10.54
C SER B 121 -2.06 -33.21 -10.52
N VAL B 122 -2.73 -33.40 -11.66
CA VAL B 122 -4.15 -33.10 -11.71
C VAL B 122 -4.92 -33.97 -10.73
N GLU B 123 -4.47 -35.22 -10.53
CA GLU B 123 -5.08 -36.09 -9.53
C GLU B 123 -5.10 -35.41 -8.16
N ASN B 124 -3.97 -34.85 -7.75
CA ASN B 124 -3.92 -34.21 -6.45
C ASN B 124 -4.67 -32.89 -6.45
N LEU B 125 -4.63 -32.16 -7.56
CA LEU B 125 -5.48 -30.97 -7.70
C LEU B 125 -6.94 -31.31 -7.41
N ARG B 126 -7.45 -32.34 -8.08
CA ARG B 126 -8.85 -32.74 -7.88
C ARG B 126 -9.09 -33.22 -6.46
N LYS B 127 -8.14 -33.96 -5.88
CA LYS B 127 -8.28 -34.38 -4.49
C LYS B 127 -8.40 -33.18 -3.55
N MET B 128 -7.62 -32.11 -3.80
CA MET B 128 -7.67 -30.94 -2.91
C MET B 128 -9.04 -30.26 -2.95
N PHE B 129 -9.62 -30.09 -4.15
CA PHE B 129 -10.94 -29.46 -4.25
C PHE B 129 -12.01 -30.29 -3.56
N LYS B 130 -11.91 -31.63 -3.63
CA LYS B 130 -12.88 -32.46 -2.91
C LYS B 130 -12.70 -32.35 -1.40
N VAL B 131 -11.45 -32.22 -0.92
CA VAL B 131 -11.23 -31.98 0.51
C VAL B 131 -11.82 -30.63 0.93
N VAL B 132 -11.67 -29.61 0.08
CA VAL B 132 -12.24 -28.31 0.42
C VAL B 132 -13.75 -28.40 0.46
N ARG B 133 -14.36 -29.03 -0.55
CA ARG B 133 -15.81 -29.19 -0.56
C ARG B 133 -16.31 -29.92 0.67
N ALA B 134 -15.55 -30.91 1.15
CA ALA B 134 -15.94 -31.64 2.34
C ALA B 134 -15.73 -30.83 3.62
N SER B 135 -15.07 -29.68 3.53
CA SER B 135 -14.81 -28.84 4.68
C SER B 135 -15.71 -27.61 4.75
N LEU B 136 -16.74 -27.54 3.90
CA LEU B 136 -17.54 -26.32 3.77
C LEU B 136 -18.94 -26.55 4.32
N LYS B 137 -19.43 -25.60 5.12
CA LYS B 137 -20.85 -25.61 5.44
C LYS B 137 -21.64 -25.34 4.16
N PRO B 138 -22.89 -25.80 4.10
CA PRO B 138 -23.70 -25.61 2.88
C PRO B 138 -23.74 -24.17 2.38
N ASP B 139 -23.64 -23.20 3.27
CA ASP B 139 -23.74 -21.78 2.96
C ASP B 139 -22.38 -21.09 2.91
N GLY B 140 -21.30 -21.85 2.94
CA GLY B 140 -19.96 -21.29 2.98
C GLY B 140 -19.39 -21.02 1.61
N LYS B 141 -18.12 -20.67 1.58
CA LYS B 141 -17.46 -20.46 0.30
C LYS B 141 -15.96 -20.68 0.42
N LEU B 142 -15.35 -21.04 -0.70
CA LEU B 142 -13.91 -21.15 -0.85
C LEU B 142 -13.40 -19.88 -1.50
N VAL B 143 -12.39 -19.26 -0.89
CA VAL B 143 -11.66 -18.16 -1.49
C VAL B 143 -10.25 -18.64 -1.71
N ALA B 144 -9.79 -18.58 -2.96
CA ALA B 144 -8.49 -19.13 -3.30
C ALA B 144 -7.67 -18.11 -4.06
N TYR B 145 -6.36 -18.31 -4.03
CA TYR B 145 -5.43 -17.49 -4.79
C TYR B 145 -4.41 -18.44 -5.39
N THR B 146 -4.19 -18.35 -6.70
CA THR B 146 -3.35 -19.35 -7.34
C THR B 146 -2.70 -18.77 -8.59
N VAL B 147 -1.95 -19.63 -9.28
CA VAL B 147 -1.27 -19.24 -10.50
C VAL B 147 -2.30 -19.08 -11.62
N ASP B 148 -2.24 -17.97 -12.32
CA ASP B 148 -3.08 -17.75 -13.49
C ASP B 148 -2.72 -18.75 -14.59
N PRO B 149 -3.66 -19.58 -15.06
CA PRO B 149 -3.33 -20.51 -16.15
C PRO B 149 -2.77 -19.83 -17.39
N ASP B 150 -3.13 -18.58 -17.63
CA ASP B 150 -2.70 -17.88 -18.84
C ASP B 150 -1.28 -17.33 -18.74
N PHE B 151 -0.65 -17.37 -17.57
CA PHE B 151 0.72 -16.88 -17.46
C PHE B 151 1.63 -17.59 -18.44
N SER B 152 2.56 -16.84 -19.02
CA SER B 152 3.51 -17.40 -19.98
C SER B 152 4.88 -16.79 -19.73
N LEU B 153 5.88 -17.63 -19.47
CA LEU B 153 7.20 -17.10 -19.11
C LEU B 153 7.77 -16.22 -20.22
N ALA B 154 7.53 -16.61 -21.48
CA ALA B 154 8.08 -15.85 -22.60
C ALA B 154 7.57 -14.41 -22.62
N LYS B 155 6.39 -14.16 -22.05
CA LYS B 155 5.79 -12.83 -22.08
C LYS B 155 6.31 -11.92 -20.97
N GLY B 156 7.26 -12.38 -20.18
CA GLY B 156 7.86 -11.51 -19.18
C GLY B 156 7.92 -12.14 -17.80
N ASN B 157 9.10 -12.07 -17.17
CA ASN B 157 9.30 -12.60 -15.84
C ASN B 157 8.62 -11.72 -14.80
N PHE B 158 8.55 -12.23 -13.56
CA PHE B 158 7.91 -11.55 -12.45
C PHE B 158 8.92 -11.11 -11.39
N ALA B 159 10.22 -11.12 -11.71
CA ALA B 159 11.24 -10.93 -10.69
C ALA B 159 11.07 -9.61 -9.96
N LYS B 160 10.80 -8.53 -10.70
CA LYS B 160 10.69 -7.21 -10.09
C LYS B 160 9.45 -7.08 -9.21
N TYR B 161 8.48 -7.97 -9.33
CA TYR B 161 7.34 -7.99 -8.41
C TYR B 161 7.58 -8.89 -7.20
N GLY B 162 8.67 -9.66 -7.19
CA GLY B 162 9.02 -10.47 -6.04
C GLY B 162 9.25 -11.95 -6.29
N VAL B 163 8.87 -12.46 -7.46
CA VAL B 163 8.99 -13.88 -7.78
C VAL B 163 9.79 -14.02 -9.07
N ASN B 164 10.99 -14.57 -8.99
CA ASN B 164 11.82 -14.80 -10.17
C ASN B 164 11.52 -16.21 -10.71
N VAL B 165 10.84 -16.28 -11.85
CA VAL B 165 10.52 -17.56 -12.47
C VAL B 165 11.72 -18.00 -13.30
N LEU B 166 12.27 -19.17 -12.96
CA LEU B 166 13.52 -19.61 -13.55
C LEU B 166 13.35 -20.46 -14.80
N ASN B 167 12.27 -21.24 -14.92
CA ASN B 167 12.08 -22.04 -16.11
C ASN B 167 10.60 -22.40 -16.27
N GLU B 168 10.32 -23.13 -17.36
CA GLU B 168 8.96 -23.51 -17.73
C GLU B 168 9.07 -24.80 -18.51
N ARG B 169 8.37 -25.83 -18.07
CA ARG B 169 8.57 -27.18 -18.58
C ARG B 169 7.21 -27.85 -18.71
N ALA B 170 6.94 -28.45 -19.86
CA ALA B 170 5.70 -29.21 -20.01
C ALA B 170 5.67 -30.32 -18.97
N TRP B 171 4.51 -30.56 -18.39
CA TRP B 171 4.38 -31.50 -17.28
C TRP B 171 3.03 -32.22 -17.42
N GLY B 172 2.98 -33.25 -18.27
CA GLY B 172 1.70 -33.86 -18.58
C GLY B 172 0.76 -32.81 -19.14
N PRO B 173 -0.43 -32.66 -18.55
CA PRO B 173 -1.40 -31.69 -19.07
C PRO B 173 -1.15 -30.26 -18.63
N GLY B 174 -0.13 -30.00 -17.82
CA GLY B 174 0.15 -28.67 -17.33
C GLY B 174 1.60 -28.28 -17.58
N TYR B 175 2.08 -27.38 -16.72
CA TYR B 175 3.44 -26.87 -16.78
C TYR B 175 4.02 -26.83 -15.38
N ARG B 176 5.32 -27.05 -15.29
CA ARG B 176 6.03 -27.03 -14.03
C ARG B 176 7.08 -25.94 -14.09
N HIS B 177 7.07 -25.04 -13.11
CA HIS B 177 7.99 -23.91 -13.07
C HIS B 177 8.92 -24.07 -11.89
N ASP B 178 10.21 -23.88 -12.12
CA ASP B 178 11.13 -23.59 -11.04
C ASP B 178 11.15 -22.08 -10.83
N ALA B 179 11.30 -21.67 -9.57
CA ALA B 179 11.26 -20.25 -9.25
C ALA B 179 12.01 -20.01 -7.96
N GLU B 180 12.18 -18.72 -7.63
CA GLU B 180 12.76 -18.35 -6.36
C GLU B 180 12.14 -17.03 -5.92
N PHE B 181 11.89 -16.90 -4.61
CA PHE B 181 11.46 -15.63 -4.05
C PHE B 181 12.65 -14.67 -3.98
N VAL B 182 12.41 -13.41 -4.33
CA VAL B 182 13.48 -12.43 -4.30
C VAL B 182 13.76 -12.05 -2.84
N THR B 183 14.57 -12.87 -2.17
CA THR B 183 15.01 -12.66 -0.79
C THR B 183 16.53 -12.77 -0.74
N ASP B 184 17.10 -12.79 0.47
CA ASP B 184 18.55 -12.85 0.67
C ASP B 184 18.96 -13.96 1.65
N PRO B 185 19.39 -15.13 1.14
CA PRO B 185 19.51 -15.54 -0.27
C PRO B 185 18.14 -15.77 -0.90
N PRO B 186 18.08 -15.91 -2.22
CA PRO B 186 16.82 -16.33 -2.85
C PRO B 186 16.36 -17.68 -2.29
N SER B 187 15.03 -17.85 -2.17
CA SER B 187 14.43 -19.08 -1.67
C SER B 187 13.85 -19.85 -2.85
N GLN B 188 14.46 -20.99 -3.17
CA GLN B 188 14.06 -21.78 -4.33
C GLN B 188 12.80 -22.57 -4.03
N PHE B 189 11.90 -22.61 -5.01
CA PHE B 189 10.72 -23.45 -4.92
C PHE B 189 10.26 -23.79 -6.33
N SER B 190 9.30 -24.71 -6.42
CA SER B 190 8.70 -25.09 -7.69
C SER B 190 7.18 -25.07 -7.54
N PHE B 191 6.49 -24.73 -8.63
CA PHE B 191 5.05 -24.72 -8.62
C PHE B 191 4.54 -25.24 -9.96
N TYR B 192 3.24 -25.50 -10.01
CA TYR B 192 2.61 -26.13 -11.16
C TYR B 192 1.53 -25.22 -11.73
N ARG B 193 1.45 -25.16 -13.04
CA ARG B 193 0.49 -24.32 -13.73
C ARG B 193 -0.47 -25.24 -14.48
N TRP B 194 -1.58 -25.55 -13.83
CA TRP B 194 -2.60 -26.40 -14.42
C TRP B 194 -3.54 -25.53 -15.24
N SER B 195 -4.12 -26.13 -16.26
CA SER B 195 -4.93 -25.37 -17.20
C SER B 195 -6.23 -24.93 -16.54
N ARG B 196 -6.83 -23.89 -17.12
CA ARG B 196 -8.13 -23.43 -16.64
C ARG B 196 -9.18 -24.52 -16.77
N ALA B 197 -9.11 -25.31 -17.85
CA ALA B 197 -10.08 -26.40 -18.01
C ALA B 197 -9.90 -27.47 -16.92
N ASP B 198 -8.65 -27.78 -16.56
CA ASP B 198 -8.45 -28.76 -15.49
C ASP B 198 -8.91 -28.22 -14.14
N TYR B 199 -8.70 -26.91 -13.89
CA TYR B 199 -9.25 -26.30 -12.68
C TYR B 199 -10.77 -26.38 -12.66
N GLU B 200 -11.41 -25.95 -13.74
CA GLU B 200 -12.87 -25.90 -13.73
C GLU B 200 -13.48 -27.28 -13.68
N SER B 201 -12.82 -28.28 -14.26
N SER B 201 -12.82 -28.28 -14.27
CA SER B 201 -13.31 -29.65 -14.12
CA SER B 201 -13.28 -29.66 -14.15
C SER B 201 -13.13 -30.16 -12.71
C SER B 201 -13.13 -30.15 -12.71
N ALA B 202 -12.03 -29.77 -12.06
CA ALA B 202 -11.80 -30.17 -10.66
C ALA B 202 -12.86 -29.58 -9.75
N ILE B 203 -13.22 -28.32 -9.99
CA ILE B 203 -14.25 -27.63 -9.22
C ILE B 203 -15.60 -28.28 -9.44
N ALA B 204 -15.95 -28.58 -10.71
CA ALA B 204 -17.24 -29.19 -11.01
C ALA B 204 -17.34 -30.60 -10.43
N ASP B 205 -16.27 -31.38 -10.56
CA ASP B 205 -16.30 -32.76 -10.11
C ASP B 205 -16.26 -32.85 -8.59
N ALA B 206 -15.82 -31.80 -7.90
CA ALA B 206 -15.82 -31.77 -6.45
C ALA B 206 -17.17 -31.40 -5.86
N GLY B 207 -18.12 -30.96 -6.67
CA GLY B 207 -19.46 -30.69 -6.20
C GLY B 207 -19.78 -29.23 -6.02
N PHE B 208 -18.90 -28.31 -6.41
CA PHE B 208 -19.21 -26.89 -6.30
C PHE B 208 -20.24 -26.49 -7.36
N SER B 209 -21.18 -25.64 -6.97
CA SER B 209 -22.24 -25.24 -7.87
C SER B 209 -21.96 -23.92 -8.58
N HIS B 210 -20.87 -23.23 -8.26
CA HIS B 210 -20.60 -21.93 -8.86
C HIS B 210 -19.16 -21.56 -8.59
N PHE B 211 -18.50 -20.97 -9.58
CA PHE B 211 -17.14 -20.48 -9.39
C PHE B 211 -16.98 -19.21 -10.21
N GLU B 212 -15.97 -18.42 -9.84
CA GLU B 212 -15.65 -17.23 -10.61
C GLU B 212 -14.18 -16.90 -10.41
N TRP B 213 -13.54 -16.48 -11.48
CA TRP B 213 -12.16 -16.02 -11.42
C TRP B 213 -12.14 -14.53 -11.09
N GLN B 214 -11.13 -14.11 -10.32
CA GLN B 214 -11.04 -12.74 -9.85
C GLN B 214 -9.71 -12.14 -10.29
N LYS B 215 -9.76 -11.05 -11.04
CA LYS B 215 -8.55 -10.36 -11.44
C LYS B 215 -7.92 -9.67 -10.23
N PRO B 216 -6.60 -9.72 -10.10
CA PRO B 216 -5.93 -8.97 -9.01
C PRO B 216 -6.29 -7.48 -9.05
N LEU B 217 -6.44 -6.90 -7.87
CA LEU B 217 -6.94 -5.53 -7.73
C LEU B 217 -5.77 -4.54 -7.66
N LEU B 218 -5.17 -4.29 -8.81
CA LEU B 218 -4.17 -3.23 -8.92
C LEU B 218 -4.88 -1.89 -9.01
N GLU B 219 -4.41 -0.90 -8.26
CA GLU B 219 -5.10 0.38 -8.20
C GLU B 219 -4.17 1.53 -8.58
N ALA B 220 -4.79 2.70 -8.76
CA ALA B 220 -4.06 3.87 -9.23
C ALA B 220 -2.94 4.26 -8.27
N ASP B 221 -3.19 4.19 -6.96
CA ASP B 221 -2.13 4.54 -6.02
C ASP B 221 -0.95 3.59 -6.12
N ASP B 222 -1.19 2.30 -6.46
CA ASP B 222 -0.08 1.39 -6.71
C ASP B 222 0.73 1.84 -7.92
N ILE B 223 0.05 2.28 -8.97
CA ILE B 223 0.75 2.73 -10.17
C ILE B 223 1.50 4.02 -9.90
N ALA B 224 0.95 4.87 -9.04
CA ALA B 224 1.53 6.18 -8.78
C ALA B 224 2.92 6.10 -8.14
N THR B 225 3.19 5.07 -7.35
CA THR B 225 4.40 5.03 -6.56
C THR B 225 5.51 4.19 -7.21
N HIS B 226 5.39 3.90 -8.49
CA HIS B 226 6.43 3.23 -9.25
C HIS B 226 6.59 3.96 -10.57
N PRO B 227 7.71 3.76 -11.26
CA PRO B 227 7.89 4.40 -12.56
C PRO B 227 6.78 4.00 -13.51
N PRO B 228 6.43 4.87 -14.46
CA PRO B 228 5.42 4.51 -15.45
C PRO B 228 5.83 3.23 -16.18
N GLY B 229 4.85 2.34 -16.39
CA GLY B 229 5.09 1.08 -17.04
C GLY B 229 5.54 -0.04 -16.12
N PHE B 230 5.84 0.27 -14.85
CA PHE B 230 6.30 -0.75 -13.92
C PHE B 230 5.35 -1.94 -13.87
N TRP B 231 4.04 -1.68 -13.87
CA TRP B 231 3.05 -2.73 -13.71
C TRP B 231 2.60 -3.34 -15.03
N ASP B 232 3.29 -3.09 -16.14
CA ASP B 232 2.81 -3.56 -17.43
C ASP B 232 2.82 -5.09 -17.51
N VAL B 233 3.92 -5.73 -17.12
CA VAL B 233 3.95 -7.19 -17.20
C VAL B 233 2.93 -7.81 -16.25
N PHE B 234 2.76 -7.20 -15.06
CA PHE B 234 1.74 -7.67 -14.12
C PHE B 234 0.35 -7.65 -14.75
N GLN B 235 0.04 -6.60 -15.52
CA GLN B 235 -1.27 -6.46 -16.15
C GLN B 235 -1.40 -7.28 -17.43
N ASN B 236 -0.32 -7.43 -18.19
CA ASN B 236 -0.40 -8.14 -19.46
C ASN B 236 -0.04 -9.60 -19.39
N ASN B 237 0.61 -10.04 -18.31
CA ASN B 237 1.08 -11.41 -18.19
C ASN B 237 1.02 -11.85 -16.73
N CYS B 238 -0.15 -11.70 -16.10
CA CYS B 238 -0.18 -11.85 -14.64
C CYS B 238 0.13 -13.27 -14.23
N LEU B 239 0.98 -13.41 -13.21
CA LEU B 239 1.29 -14.73 -12.67
C LEU B 239 0.22 -15.23 -11.70
N GLN B 240 -0.67 -14.37 -11.22
CA GLN B 240 -1.57 -14.74 -10.13
C GLN B 240 -3.01 -14.43 -10.50
N THR B 241 -3.93 -15.17 -9.86
CA THR B 241 -5.36 -14.98 -10.01
C THR B 241 -6.07 -15.43 -8.74
N GLY B 242 -7.18 -14.76 -8.43
CA GLY B 242 -8.06 -15.21 -7.38
C GLY B 242 -9.16 -16.11 -7.93
N LEU B 243 -9.84 -16.80 -7.01
CA LEU B 243 -10.87 -17.77 -7.39
C LEU B 243 -11.82 -17.94 -6.21
N VAL B 244 -13.12 -17.82 -6.46
CA VAL B 244 -14.14 -18.03 -5.44
C VAL B 244 -15.04 -19.18 -5.89
N CYS B 245 -15.25 -20.15 -5.00
CA CYS B 245 -16.14 -21.26 -5.29
C CYS B 245 -17.21 -21.38 -4.21
N LYS B 246 -18.45 -21.64 -4.65
CA LYS B 246 -19.54 -21.84 -3.72
C LYS B 246 -20.11 -23.24 -3.87
N PRO B 247 -20.43 -23.92 -2.76
CA PRO B 247 -20.97 -25.28 -2.80
C PRO B 247 -22.38 -25.30 -3.38
N SAH C . 4.91 18.18 -1.87
CA SAH C . 6.05 17.29 -2.09
CB SAH C . 7.34 17.78 -1.40
CG SAH C . 7.18 18.10 0.07
SD SAH C . 8.78 18.42 0.78
C SAH C . 5.77 15.84 -1.76
O SAH C . 6.26 14.97 -2.52
OXT SAH C . 5.08 15.52 -0.74
C5' SAH C . 8.50 20.04 1.41
C4' SAH C . 8.90 21.04 0.32
O4' SAH C . 8.39 22.34 0.60
C3' SAH C . 10.40 21.20 0.12
O3' SAH C . 10.71 20.96 -1.27
C2' SAH C . 10.68 22.66 0.46
O2' SAH C . 11.74 23.25 -0.32
C1' SAH C . 9.35 23.30 0.15
N9 SAH C . 9.10 24.57 0.85
C8 SAH C . 9.35 24.85 2.15
N7 SAH C . 8.96 26.11 2.45
C5 SAH C . 8.44 26.63 1.33
C6 SAH C . 7.86 27.93 0.95
N6 SAH C . 7.77 28.91 1.88
N1 SAH C . 7.43 28.10 -0.32
C2 SAH C . 7.53 27.11 -1.25
N3 SAH C . 8.07 25.90 -0.97
C4 SAH C . 8.52 25.62 0.28
C1 TOF D . 6.17 15.45 8.01
O1 TOF D . 5.70 14.59 8.74
C2 TOF D . 6.45 15.22 6.58
O2 TOF D . 7.22 18.71 8.14
N3 TOF D . 6.23 14.07 5.98
C4 TOF D . 6.51 13.93 4.68
N5 TOF D . 7.01 14.91 3.98
N6 TOF D . 7.26 16.06 4.51
C7 TOF D . 7.01 16.28 5.81
N8 TOF D . 7.25 17.45 6.37
C9 TOF D . 6.98 17.64 7.66
N10 TOF D . 6.46 16.69 8.47
C11 TOF D . 7.83 17.14 3.71
C12 TOF D . 6.22 17.00 9.88
N SAH E . -0.91 -18.97 2.44
CA SAH E . 0.27 -18.36 3.04
CB SAH E . 1.54 -19.16 2.68
CG SAH E . 1.73 -19.40 1.19
SD SAH E . 3.24 -20.28 0.88
C SAH E . 0.42 -16.89 2.65
O SAH E . 0.85 -16.09 3.50
OXT SAH E . 0.12 -16.52 1.50
C5' SAH E . 2.56 -21.80 0.30
C4' SAH E . 2.43 -22.80 1.45
O4' SAH E . 1.78 -23.97 0.94
C3' SAH E . 3.75 -23.27 2.06
O3' SAH E . 3.75 -22.96 3.47
C2' SAH E . 3.75 -24.78 1.84
O2' SAH E . 4.34 -25.52 2.92
C1' SAH E . 2.26 -25.06 1.69
N9 SAH E . 1.88 -26.28 0.95
C8 SAH E . 2.38 -26.73 -0.23
N7 SAH E . 1.75 -27.87 -0.60
C5 SAH E . 0.83 -28.16 0.34
C6 SAH E . -0.16 -29.22 0.55
N6 SAH E . -0.27 -30.23 -0.35
N1 SAH E . -0.94 -29.16 1.65
C2 SAH E . -0.81 -28.16 2.54
N3 SAH E . 0.07 -27.15 2.42
C4 SAH E . 0.91 -27.10 1.35
C1 TOF F . 3.66 -16.91 -6.49
O1 TOF F . 3.62 -16.02 -7.32
C2 TOF F . 3.59 -16.66 -5.04
O2 TOF F . 3.91 -20.38 -6.28
N3 TOF F . 3.47 -15.47 -4.50
C4 TOF F . 3.41 -15.35 -3.17
N5 TOF F . 3.45 -16.38 -2.36
N6 TOF F . 3.56 -17.57 -2.84
C7 TOF F . 3.63 -17.77 -4.16
N8 TOF F . 3.73 -19.00 -4.64
C9 TOF F . 3.80 -19.21 -5.94
N10 TOF F . 3.77 -18.22 -6.86
C11 TOF F . 3.61 -18.75 -1.98
C12 TOF F . 3.84 -18.52 -8.29
#